data_3G5R
#
_entry.id   3G5R
#
_cell.length_a   46.809
_cell.length_b   97.023
_cell.length_c   53.794
_cell.angle_alpha   90.00
_cell.angle_beta   101.29
_cell.angle_gamma   90.00
#
_symmetry.space_group_name_H-M   'P 1 21 1'
#
loop_
_entity.id
_entity.type
_entity.pdbx_description
1 polymer 'Methylenetetrahydrofolate--tRNA-(uracil-5-)-methyltransferase trmFO'
2 non-polymer 'FLAVIN-ADENINE DINUCLEOTIDE'
3 non-polymer (6S)-5,6,7,8-TETRAHYDROFOLATE
4 non-polymer 'CALCIUM ION'
5 non-polymer 1,2-ETHANEDIOL
6 water water
#
_entity_poly.entity_id   1
_entity_poly.type   'polypeptide(L)'
_entity_poly.pdbx_seq_one_letter_code
;MERVNVVGAGLAGSEAAWTLLRLGVPVRLFEMRPKRMTPAHGTDRFAEIVCSNSLGGEGETNAKGLLQAEMRRAGSLVME
AADLARVPAGGALAVDREEFSGYITERLTGHPLLEVVREEVREIPPGITVLATGPLTSEALAEALKRRFGDHFLAYYDAA
SPIVLYESIDLTKCFRAGRYGQSADYLNCPMTEEEYRRFHQALLEAQRHTPHDWEKLEFFEACVPVEELARRGYQTLLFG
PMKPVGLVDPRTGKEPFAVVQLRQEDKAGRMWSLVGFQTGLKWPEQKRLIQMIPGLENAEIVRYGVMHRNTYLNAPRLLG
ETLEFREAEGLYAAGVLAGVEGYLESAATGFLAGLNAARKALGLPPVAPPEESMLGGLVRYLATANPEGFQPMYANWGLV
PPVEGRMGKKEKRQAMYRRGLEAFSAWLSGLNPPLPRPEAALV
;
_entity_poly.pdbx_strand_id   A
#
loop_
_chem_comp.id
_chem_comp.type
_chem_comp.name
_chem_comp.formula
CA non-polymer 'CALCIUM ION' 'Ca 2'
EDO non-polymer 1,2-ETHANEDIOL 'C2 H6 O2'
FAD non-polymer 'FLAVIN-ADENINE DINUCLEOTIDE' 'C27 H33 N9 O15 P2'
THG non-polymer (6S)-5,6,7,8-TETRAHYDROFOLATE 'C19 H23 N7 O6'
#
# COMPACT_ATOMS: atom_id res chain seq x y z
N MET A 1 11.45 -15.37 22.17
CA MET A 1 12.15 -15.63 23.43
C MET A 1 13.66 -15.44 23.36
N GLU A 2 14.32 -16.17 22.46
CA GLU A 2 15.78 -16.16 22.41
C GLU A 2 16.27 -15.16 21.36
N ARG A 3 15.83 -15.36 20.13
CA ARG A 3 15.99 -14.34 19.09
C ARG A 3 14.62 -13.97 18.57
N VAL A 4 14.48 -12.75 18.08
CA VAL A 4 13.28 -12.38 17.32
C VAL A 4 13.48 -12.86 15.89
N ASN A 5 12.47 -13.53 15.35
CA ASN A 5 12.48 -14.04 13.98
C ASN A 5 12.02 -12.98 12.99
N VAL A 6 12.75 -12.85 11.89
CA VAL A 6 12.27 -12.07 10.75
C VAL A 6 12.29 -13.02 9.55
N VAL A 7 11.13 -13.19 8.93
CA VAL A 7 11.01 -14.12 7.81
C VAL A 7 10.94 -13.37 6.49
N GLY A 8 12.01 -13.49 5.70
CA GLY A 8 12.14 -12.78 4.45
C GLY A 8 13.12 -11.62 4.60
N ALA A 9 14.14 -11.60 3.75
CA ALA A 9 15.16 -10.55 3.81
C ALA A 9 15.08 -9.68 2.56
N GLY A 10 13.87 -9.23 2.24
CA GLY A 10 13.67 -8.28 1.15
C GLY A 10 13.72 -6.86 1.70
N LEU A 11 12.95 -5.96 1.09
CA LEU A 11 12.96 -4.57 1.54
C LEU A 11 12.46 -4.44 2.97
N ALA A 12 11.33 -5.09 3.26
CA ALA A 12 10.70 -4.98 4.57
C ALA A 12 11.50 -5.72 5.64
N GLY A 13 11.89 -6.95 5.34
CA GLY A 13 12.60 -7.77 6.31
C GLY A 13 13.97 -7.22 6.67
N SER A 14 14.69 -6.68 5.69
CA SER A 14 15.99 -6.10 5.94
C SER A 14 15.87 -4.91 6.90
N GLU A 15 14.88 -4.06 6.69
CA GLU A 15 14.69 -2.92 7.58
C GLU A 15 14.18 -3.35 8.97
N ALA A 16 13.31 -4.35 9.01
CA ALA A 16 12.82 -4.86 10.30
C ALA A 16 13.98 -5.41 11.11
N ALA A 17 14.81 -6.23 10.48
CA ALA A 17 15.98 -6.79 11.15
C ALA A 17 16.93 -5.69 11.64
N TRP A 18 17.22 -4.73 10.78
CA TRP A 18 18.12 -3.64 11.17
C TRP A 18 17.58 -2.89 12.38
N THR A 19 16.28 -2.66 12.40
CA THR A 19 15.67 -1.92 13.51
C THR A 19 15.83 -2.70 14.83
N LEU A 20 15.59 -4.01 14.78
CA LEU A 20 15.75 -4.88 15.93
C LEU A 20 17.20 -4.83 16.41
N LEU A 21 18.13 -4.97 15.47
CA LEU A 21 19.55 -4.96 15.81
C LEU A 21 20.00 -3.64 16.44
N ARG A 22 19.52 -2.52 15.90
CA ARG A 22 19.84 -1.20 16.46
C ARG A 22 19.41 -1.06 17.90
N LEU A 23 18.34 -1.77 18.27
CA LEU A 23 17.80 -1.70 19.62
C LEU A 23 18.40 -2.79 20.49
N GLY A 24 19.39 -3.50 19.95
CA GLY A 24 20.13 -4.50 20.69
C GLY A 24 19.45 -5.84 20.86
N VAL A 25 18.44 -6.10 20.03
CA VAL A 25 17.68 -7.34 20.10
C VAL A 25 18.22 -8.35 19.08
N PRO A 26 18.67 -9.52 19.57
CA PRO A 26 19.20 -10.56 18.68
C PRO A 26 18.14 -11.02 17.68
N VAL A 27 18.55 -11.20 16.43
CA VAL A 27 17.64 -11.54 15.35
C VAL A 27 18.04 -12.84 14.67
N ARG A 28 17.04 -13.61 14.26
CA ARG A 28 17.22 -14.74 13.38
C ARG A 28 16.49 -14.41 12.09
N LEU A 29 17.26 -14.12 11.06
CA LEU A 29 16.72 -13.68 9.77
C LEU A 29 16.70 -14.84 8.79
N PHE A 30 15.51 -15.23 8.37
CA PHE A 30 15.35 -16.32 7.41
C PHE A 30 15.24 -15.74 6.01
N GLU A 31 16.00 -16.31 5.08
CA GLU A 31 15.87 -15.96 3.66
C GLU A 31 16.05 -17.23 2.84
N MET A 32 15.03 -17.57 2.06
CA MET A 32 15.09 -18.82 1.30
C MET A 32 16.06 -18.75 0.11
N ARG A 33 16.26 -17.55 -0.44
CA ARG A 33 17.23 -17.40 -1.53
C ARG A 33 18.65 -17.60 -1.01
N PRO A 34 19.50 -18.30 -1.77
CA PRO A 34 19.25 -18.82 -3.12
C PRO A 34 18.91 -20.32 -3.12
N LYS A 35 18.57 -20.89 -1.97
CA LYS A 35 18.12 -22.28 -1.92
C LYS A 35 16.82 -22.46 -2.68
N ARG A 36 15.92 -21.49 -2.52
CA ARG A 36 14.70 -21.43 -3.31
C ARG A 36 14.57 -20.01 -3.85
N MET A 37 14.26 -19.88 -5.13
CA MET A 37 14.14 -18.57 -5.75
C MET A 37 12.68 -18.26 -6.03
N THR A 38 12.33 -16.98 -5.97
CA THR A 38 11.04 -16.54 -6.47
C THR A 38 11.16 -16.34 -7.97
N PRO A 39 10.02 -16.20 -8.66
CA PRO A 39 10.00 -15.92 -10.09
C PRO A 39 10.59 -14.56 -10.49
N ALA A 40 10.77 -13.66 -9.53
CA ALA A 40 11.22 -12.30 -9.83
C ALA A 40 12.68 -12.05 -9.47
N HIS A 41 13.19 -12.80 -8.50
CA HIS A 41 14.53 -12.56 -7.99
C HIS A 41 15.61 -13.28 -8.81
N GLY A 42 16.80 -12.71 -8.83
CA GLY A 42 17.92 -13.32 -9.54
C GLY A 42 19.17 -13.51 -8.70
N THR A 43 19.17 -12.97 -7.49
CA THR A 43 20.37 -13.00 -6.66
C THR A 43 20.10 -13.58 -5.26
N ASP A 44 21.16 -13.69 -4.47
CA ASP A 44 21.04 -14.10 -3.08
C ASP A 44 21.17 -12.91 -2.13
N ARG A 45 21.07 -11.69 -2.67
CA ARG A 45 21.29 -10.49 -1.86
C ARG A 45 20.04 -10.10 -1.08
N PHE A 46 20.23 -9.55 0.12
CA PHE A 46 19.12 -8.97 0.86
C PHE A 46 18.62 -7.71 0.17
N ALA A 47 17.32 -7.48 0.22
CA ALA A 47 16.72 -6.26 -0.32
C ALA A 47 17.01 -6.08 -1.81
N GLU A 48 17.04 -7.19 -2.55
CA GLU A 48 17.16 -7.14 -3.99
C GLU A 48 16.01 -6.31 -4.59
N ILE A 49 16.37 -5.40 -5.50
CA ILE A 49 15.39 -4.61 -6.23
C ILE A 49 15.06 -5.36 -7.51
N VAL A 50 13.82 -5.87 -7.62
CA VAL A 50 13.53 -6.80 -8.72
C VAL A 50 13.11 -6.15 -10.04
N CYS A 51 12.75 -4.86 -10.02
CA CYS A 51 12.29 -4.20 -11.23
C CYS A 51 12.86 -2.79 -11.39
N SER A 52 12.00 -1.78 -11.35
CA SER A 52 12.44 -0.39 -11.47
C SER A 52 13.45 -0.04 -10.38
N ASN A 53 14.38 0.84 -10.70
CA ASN A 53 15.38 1.25 -9.72
C ASN A 53 14.99 2.53 -9.00
N SER A 54 13.75 2.97 -9.18
CA SER A 54 13.27 4.18 -8.52
C SER A 54 12.58 3.90 -7.18
N LEU A 55 12.95 4.69 -6.17
CA LEU A 55 12.28 4.61 -4.86
C LEU A 55 11.23 5.71 -4.69
N GLY A 56 10.98 6.48 -5.75
CA GLY A 56 9.95 7.50 -5.72
C GLY A 56 10.44 8.94 -5.77
N GLY A 57 9.53 9.86 -6.05
CA GLY A 57 9.86 11.28 -6.09
C GLY A 57 10.36 11.78 -4.75
N GLU A 58 11.28 12.75 -4.77
CA GLU A 58 11.88 13.29 -3.56
C GLU A 58 11.27 14.62 -3.13
N GLY A 59 10.46 15.20 -4.01
CA GLY A 59 9.93 16.54 -3.79
C GLY A 59 9.03 16.71 -2.58
N GLU A 60 8.94 17.95 -2.10
CA GLU A 60 8.12 18.26 -0.94
C GLU A 60 6.62 18.23 -1.25
N THR A 61 6.27 18.04 -2.51
CA THR A 61 4.86 17.87 -2.86
C THR A 61 4.56 16.42 -3.17
N ASN A 62 5.54 15.54 -2.92
CA ASN A 62 5.41 14.12 -3.22
C ASN A 62 5.26 13.30 -1.94
N ALA A 63 4.21 12.49 -1.88
CA ALA A 63 3.95 11.69 -0.69
C ALA A 63 5.10 10.72 -0.41
N LYS A 64 5.66 10.14 -1.47
CA LYS A 64 6.83 9.28 -1.30
C LYS A 64 8.03 10.10 -0.81
N GLY A 65 8.10 11.37 -1.21
CA GLY A 65 9.15 12.25 -0.75
C GLY A 65 9.09 12.43 0.76
N LEU A 66 7.88 12.59 1.27
CA LEU A 66 7.70 12.71 2.72
C LEU A 66 8.12 11.42 3.41
N LEU A 67 7.71 10.28 2.86
CA LEU A 67 8.05 9.01 3.48
C LEU A 67 9.57 8.80 3.48
N GLN A 68 10.24 9.22 2.41
CA GLN A 68 11.70 9.14 2.33
C GLN A 68 12.34 9.96 3.45
N ALA A 69 11.84 11.18 3.62
CA ALA A 69 12.36 12.08 4.65
C ALA A 69 12.16 11.50 6.05
N GLU A 70 10.97 10.94 6.29
CA GLU A 70 10.67 10.30 7.58
C GLU A 70 11.64 9.16 7.84
N MET A 71 11.86 8.33 6.82
CA MET A 71 12.74 7.18 6.99
C MET A 71 14.19 7.58 7.24
N ARG A 72 14.64 8.68 6.62
CA ARG A 72 15.97 9.19 6.93
C ARG A 72 16.06 9.65 8.37
N ARG A 73 15.05 10.38 8.81
CA ARG A 73 15.00 10.85 10.20
C ARG A 73 15.09 9.65 11.14
N ALA A 74 14.49 8.54 10.71
CA ALA A 74 14.45 7.32 11.52
C ALA A 74 15.75 6.51 11.50
N GLY A 75 16.67 6.87 10.61
CA GLY A 75 17.94 6.17 10.50
C GLY A 75 17.85 4.89 9.69
N SER A 76 16.90 4.85 8.77
CA SER A 76 16.65 3.69 7.92
C SER A 76 17.89 3.18 7.20
N LEU A 77 18.13 1.87 7.26
CA LEU A 77 19.19 1.25 6.48
C LEU A 77 18.91 1.34 4.98
N VAL A 78 17.66 1.14 4.58
CA VAL A 78 17.30 1.25 3.17
C VAL A 78 17.61 2.65 2.64
N MET A 79 17.29 3.69 3.42
CA MET A 79 17.57 5.04 2.96
C MET A 79 19.07 5.34 2.92
N GLU A 80 19.81 4.80 3.90
CA GLU A 80 21.28 4.91 3.91
C GLU A 80 21.87 4.28 2.65
N ALA A 81 21.48 3.04 2.39
CA ALA A 81 21.92 2.31 1.20
C ALA A 81 21.53 3.05 -0.09
N ALA A 82 20.32 3.60 -0.11
CA ALA A 82 19.85 4.31 -1.30
C ALA A 82 20.69 5.57 -1.56
N ASP A 83 20.93 6.36 -0.52
CA ASP A 83 21.70 7.59 -0.70
C ASP A 83 23.08 7.27 -1.24
N LEU A 84 23.68 6.20 -0.73
CA LEU A 84 25.03 5.80 -1.14
C LEU A 84 25.06 5.15 -2.51
N ALA A 85 23.91 4.73 -3.01
CA ALA A 85 23.87 4.07 -4.32
C ALA A 85 23.15 4.91 -5.37
N ARG A 86 22.98 6.20 -5.07
CA ARG A 86 22.26 7.10 -5.98
C ARG A 86 22.81 7.12 -7.41
N VAL A 87 21.89 7.07 -8.37
CA VAL A 87 22.21 7.33 -9.77
C VAL A 87 21.30 8.44 -10.25
N PRO A 88 21.70 9.14 -11.33
CA PRO A 88 20.93 10.29 -11.79
C PRO A 88 19.48 9.97 -12.13
N ALA A 89 18.58 10.81 -11.67
CA ALA A 89 17.17 10.71 -12.00
C ALA A 89 16.49 12.03 -11.64
N GLY A 90 15.82 12.64 -12.60
CA GLY A 90 15.17 13.91 -12.39
C GLY A 90 14.04 13.84 -11.37
N GLY A 91 14.30 14.36 -10.18
CA GLY A 91 13.27 14.48 -9.16
C GLY A 91 12.97 13.21 -8.38
N ALA A 92 13.50 12.08 -8.82
CA ALA A 92 13.28 10.82 -8.13
C ALA A 92 14.55 10.31 -7.47
N LEU A 93 14.38 9.51 -6.41
CA LEU A 93 15.50 8.82 -5.80
C LEU A 93 15.64 7.47 -6.50
N ALA A 94 16.75 7.29 -7.22
CA ALA A 94 16.98 6.06 -7.98
C ALA A 94 18.35 5.50 -7.62
N VAL A 95 18.49 4.18 -7.70
CA VAL A 95 19.69 3.52 -7.20
C VAL A 95 20.36 2.58 -8.21
N ASP A 96 21.66 2.37 -8.00
CA ASP A 96 22.37 1.26 -8.59
C ASP A 96 21.92 0.04 -7.80
N ARG A 97 21.13 -0.82 -8.43
CA ARG A 97 20.49 -1.92 -7.72
C ARG A 97 21.49 -2.83 -7.00
N GLU A 98 22.59 -3.15 -7.68
CA GLU A 98 23.58 -4.07 -7.12
C GLU A 98 24.32 -3.45 -5.94
N GLU A 99 24.62 -2.16 -6.04
CA GLU A 99 25.29 -1.47 -4.95
C GLU A 99 24.35 -1.36 -3.74
N PHE A 100 23.08 -1.10 -4.02
CA PHE A 100 22.05 -0.97 -2.99
C PHE A 100 21.92 -2.27 -2.19
N SER A 101 21.67 -3.37 -2.88
CA SER A 101 21.47 -4.63 -2.20
C SER A 101 22.77 -5.17 -1.60
N GLY A 102 23.89 -4.90 -2.27
CA GLY A 102 25.18 -5.34 -1.78
C GLY A 102 25.53 -4.70 -0.44
N TYR A 103 25.27 -3.41 -0.34
CA TYR A 103 25.55 -2.66 0.88
C TYR A 103 24.68 -3.16 2.03
N ILE A 104 23.39 -3.32 1.77
CA ILE A 104 22.46 -3.80 2.79
C ILE A 104 22.86 -5.19 3.29
N THR A 105 23.21 -6.08 2.36
CA THR A 105 23.59 -7.44 2.73
C THR A 105 24.85 -7.43 3.60
N GLU A 106 25.82 -6.60 3.23
CA GLU A 106 27.05 -6.55 3.99
C GLU A 106 26.84 -5.98 5.40
N ARG A 107 26.02 -4.94 5.53
CA ARG A 107 25.81 -4.34 6.84
C ARG A 107 25.05 -5.27 7.79
N LEU A 108 24.06 -5.99 7.26
CA LEU A 108 23.32 -6.93 8.09
C LEU A 108 24.16 -8.14 8.47
N THR A 109 24.73 -8.81 7.47
CA THR A 109 25.54 -10.01 7.70
CA THR A 109 25.51 -10.02 7.73
C THR A 109 26.71 -9.75 8.65
N GLY A 110 27.19 -8.51 8.63
CA GLY A 110 28.33 -8.12 9.46
C GLY A 110 27.97 -7.84 10.91
N HIS A 111 26.68 -7.78 11.21
CA HIS A 111 26.25 -7.41 12.55
C HIS A 111 26.34 -8.61 13.50
N PRO A 112 27.00 -8.42 14.66
CA PRO A 112 27.24 -9.51 15.61
C PRO A 112 25.96 -10.11 16.21
N LEU A 113 24.88 -9.34 16.22
CA LEU A 113 23.62 -9.83 16.80
C LEU A 113 22.71 -10.55 15.80
N LEU A 114 23.19 -10.70 14.56
CA LEU A 114 22.37 -11.30 13.51
C LEU A 114 22.78 -12.72 13.14
N GLU A 115 21.83 -13.64 13.21
CA GLU A 115 22.00 -14.98 12.66
C GLU A 115 21.18 -15.07 11.39
N VAL A 116 21.82 -15.47 10.29
CA VAL A 116 21.11 -15.67 9.03
C VAL A 116 20.86 -17.15 8.79
N VAL A 117 19.63 -17.50 8.46
CA VAL A 117 19.30 -18.87 8.13
C VAL A 117 18.79 -18.91 6.71
N ARG A 118 19.56 -19.54 5.82
CA ARG A 118 19.19 -19.61 4.41
C ARG A 118 18.29 -20.83 4.16
N GLU A 119 17.04 -20.73 4.61
CA GLU A 119 16.08 -21.81 4.43
C GLU A 119 14.69 -21.24 4.14
N GLU A 120 13.86 -22.04 3.48
CA GLU A 120 12.45 -21.68 3.35
C GLU A 120 11.71 -21.98 4.65
N VAL A 121 11.03 -20.96 5.17
CA VAL A 121 10.15 -21.13 6.31
C VAL A 121 8.79 -21.64 5.82
N ARG A 122 8.35 -22.79 6.32
CA ARG A 122 7.13 -23.41 5.82
C ARG A 122 5.98 -23.35 6.82
N GLU A 123 6.31 -22.99 8.06
CA GLU A 123 5.33 -22.80 9.12
C GLU A 123 5.68 -21.51 9.85
N ILE A 124 4.68 -20.85 10.44
CA ILE A 124 4.94 -19.63 11.19
C ILE A 124 5.81 -19.93 12.41
N PRO A 125 7.01 -19.33 12.47
CA PRO A 125 7.94 -19.59 13.58
C PRO A 125 7.39 -19.12 14.92
N PRO A 126 7.42 -19.99 15.94
CA PRO A 126 6.97 -19.65 17.28
C PRO A 126 7.82 -18.55 17.89
N GLY A 127 7.23 -17.75 18.77
CA GLY A 127 7.97 -16.71 19.48
C GLY A 127 7.53 -15.34 19.03
N ILE A 128 8.48 -14.42 18.98
CA ILE A 128 8.23 -13.08 18.44
C ILE A 128 8.74 -13.08 17.01
N THR A 129 7.88 -12.75 16.06
CA THR A 129 8.16 -13.04 14.66
C THR A 129 7.59 -11.98 13.76
N VAL A 130 8.41 -11.48 12.83
CA VAL A 130 7.94 -10.58 11.80
C VAL A 130 7.90 -11.33 10.47
N LEU A 131 6.72 -11.37 9.85
CA LEU A 131 6.57 -11.98 8.54
C LEU A 131 6.69 -10.93 7.45
N ALA A 132 7.65 -11.12 6.54
CA ALA A 132 7.94 -10.13 5.51
C ALA A 132 8.33 -10.82 4.21
N THR A 133 7.48 -11.74 3.76
CA THR A 133 7.85 -12.64 2.68
C THR A 133 7.45 -12.14 1.29
N GLY A 134 6.77 -11.00 1.21
CA GLY A 134 6.63 -10.29 -0.05
C GLY A 134 5.57 -10.81 -1.01
N PRO A 135 5.53 -10.24 -2.22
CA PRO A 135 4.47 -10.58 -3.19
C PRO A 135 4.59 -12.03 -3.64
N LEU A 136 5.79 -12.59 -3.54
CA LEU A 136 6.02 -13.96 -3.97
C LEU A 136 6.37 -14.86 -2.78
N THR A 137 5.70 -14.59 -1.66
CA THR A 137 5.70 -15.47 -0.49
C THR A 137 5.58 -16.92 -0.94
N SER A 138 6.45 -17.79 -0.43
CA SER A 138 6.45 -19.20 -0.84
C SER A 138 5.07 -19.83 -0.61
N GLU A 139 4.71 -20.79 -1.46
CA GLU A 139 3.40 -21.42 -1.36
C GLU A 139 3.18 -22.08 0.00
N ALA A 140 4.23 -22.71 0.54
CA ALA A 140 4.11 -23.36 1.83
C ALA A 140 3.66 -22.39 2.93
N LEU A 141 4.27 -21.21 2.97
CA LEU A 141 3.94 -20.27 4.03
C LEU A 141 2.59 -19.62 3.78
N ALA A 142 2.26 -19.39 2.51
CA ALA A 142 0.95 -18.86 2.15
C ALA A 142 -0.13 -19.83 2.62
N GLU A 143 0.08 -21.12 2.35
CA GLU A 143 -0.83 -22.15 2.85
C GLU A 143 -0.94 -22.11 4.37
N ALA A 144 0.20 -21.98 5.05
CA ALA A 144 0.22 -21.92 6.51
C ALA A 144 -0.60 -20.74 7.02
N LEU A 145 -0.47 -19.60 6.35
CA LEU A 145 -1.22 -18.42 6.75
C LEU A 145 -2.73 -18.59 6.53
N LYS A 146 -3.10 -19.25 5.43
CA LYS A 146 -4.50 -19.52 5.16
C LYS A 146 -5.08 -20.43 6.23
N ARG A 147 -4.30 -21.43 6.64
CA ARG A 147 -4.76 -22.38 7.66
C ARG A 147 -4.98 -21.69 8.99
N ARG A 148 -4.13 -20.73 9.32
CA ARG A 148 -4.22 -20.08 10.62
C ARG A 148 -5.28 -18.98 10.70
N PHE A 149 -5.40 -18.18 9.65
CA PHE A 149 -6.22 -16.98 9.71
C PHE A 149 -7.47 -17.02 8.84
N GLY A 150 -7.55 -18.00 7.95
CA GLY A 150 -8.70 -18.14 7.07
C GLY A 150 -8.36 -18.00 5.60
N ASP A 151 -8.91 -18.89 4.78
CA ASP A 151 -8.66 -18.88 3.35
C ASP A 151 -8.90 -17.52 2.71
N HIS A 152 -9.99 -16.87 3.11
CA HIS A 152 -10.42 -15.63 2.46
C HIS A 152 -9.64 -14.40 2.93
N PHE A 153 -8.71 -14.58 3.85
CA PHE A 153 -7.96 -13.44 4.39
C PHE A 153 -6.56 -13.30 3.79
N LEU A 154 -6.25 -14.15 2.82
CA LEU A 154 -5.02 -14.01 2.05
C LEU A 154 -5.35 -14.09 0.56
N ALA A 155 -4.82 -13.15 -0.21
CA ALA A 155 -5.02 -13.18 -1.65
C ALA A 155 -3.70 -13.45 -2.36
N TYR A 156 -3.78 -14.04 -3.54
CA TYR A 156 -2.61 -14.32 -4.35
C TYR A 156 -2.44 -13.31 -5.47
N TYR A 157 -3.49 -12.53 -5.72
CA TYR A 157 -3.44 -11.49 -6.73
C TYR A 157 -4.13 -10.24 -6.21
N ASP A 158 -3.68 -9.08 -6.66
CA ASP A 158 -4.49 -7.90 -6.45
C ASP A 158 -5.23 -7.54 -7.74
N ALA A 159 -6.34 -6.84 -7.57
CA ALA A 159 -7.15 -6.39 -8.70
C ALA A 159 -7.78 -5.11 -8.21
N ALA A 160 -7.01 -4.04 -8.28
CA ALA A 160 -7.38 -2.79 -7.65
C ALA A 160 -7.96 -1.83 -8.66
N SER A 161 -9.04 -1.18 -8.27
CA SER A 161 -9.59 -0.11 -9.08
C SER A 161 -8.98 1.20 -8.63
N PRO A 162 -9.01 2.22 -9.50
CA PRO A 162 -8.44 3.52 -9.16
C PRO A 162 -9.17 4.16 -7.99
N ILE A 163 -8.41 4.85 -7.14
CA ILE A 163 -8.97 5.55 -6.01
C ILE A 163 -8.71 7.04 -6.20
N VAL A 164 -9.76 7.85 -6.03
CA VAL A 164 -9.66 9.29 -6.20
C VAL A 164 -9.88 10.01 -4.87
N LEU A 165 -9.41 11.25 -4.81
CA LEU A 165 -9.58 12.08 -3.62
C LEU A 165 -10.99 12.68 -3.63
N TYR A 166 -11.74 12.46 -2.55
CA TYR A 166 -13.13 12.90 -2.48
C TYR A 166 -13.28 14.39 -2.76
N GLU A 167 -12.37 15.19 -2.23
CA GLU A 167 -12.44 16.64 -2.40
C GLU A 167 -12.28 17.08 -3.86
N SER A 168 -11.78 16.18 -4.72
CA SER A 168 -11.56 16.52 -6.12
C SER A 168 -12.77 16.17 -6.99
N ILE A 169 -13.79 15.58 -6.39
CA ILE A 169 -15.01 15.22 -7.12
C ILE A 169 -15.97 16.41 -7.21
N ASP A 170 -16.55 16.61 -8.40
CA ASP A 170 -17.62 17.59 -8.58
C ASP A 170 -18.94 16.96 -8.16
N LEU A 171 -19.33 17.20 -6.93
CA LEU A 171 -20.49 16.52 -6.36
C LEU A 171 -21.82 16.97 -6.94
N THR A 172 -21.82 18.08 -7.66
CA THR A 172 -23.06 18.57 -8.28
C THR A 172 -23.51 17.62 -9.39
N LYS A 173 -22.62 16.69 -9.77
CA LYS A 173 -22.92 15.77 -10.86
C LYS A 173 -23.16 14.35 -10.38
N CYS A 174 -23.17 14.16 -9.05
CA CYS A 174 -23.31 12.84 -8.46
C CYS A 174 -24.49 12.78 -7.51
N PHE A 175 -24.90 11.57 -7.14
CA PHE A 175 -25.91 11.39 -6.11
C PHE A 175 -25.60 10.17 -5.24
N ARG A 176 -25.97 10.25 -3.98
CA ARG A 176 -25.69 9.18 -3.04
C ARG A 176 -26.89 8.24 -2.96
N ALA A 177 -26.64 6.95 -3.16
CA ALA A 177 -27.71 5.95 -3.16
C ALA A 177 -27.14 4.55 -3.34
N GLY A 178 -27.96 3.54 -3.09
CA GLY A 178 -27.55 2.16 -3.30
C GLY A 178 -28.58 1.37 -4.08
N ARG A 179 -28.13 0.37 -4.83
CA ARG A 179 -29.05 -0.52 -5.55
C ARG A 179 -29.63 -1.51 -4.55
N TYR A 180 -30.47 -2.41 -5.04
CA TYR A 180 -30.99 -3.47 -4.18
C TYR A 180 -29.84 -4.33 -3.68
N GLY A 181 -29.71 -4.43 -2.35
CA GLY A 181 -28.66 -5.25 -1.75
C GLY A 181 -27.40 -4.47 -1.43
N GLN A 182 -27.41 -3.18 -1.74
CA GLN A 182 -26.27 -2.31 -1.48
C GLN A 182 -26.53 -1.36 -0.32
N SER A 183 -25.45 -0.83 0.25
CA SER A 183 -25.55 0.25 1.21
CA SER A 183 -25.57 0.25 1.22
C SER A 183 -26.06 1.50 0.48
N ALA A 184 -26.84 2.32 1.17
CA ALA A 184 -27.34 3.54 0.55
C ALA A 184 -26.25 4.60 0.45
N ASP A 185 -25.00 4.20 0.69
CA ASP A 185 -23.90 5.14 0.84
C ASP A 185 -22.94 5.22 -0.34
N TYR A 186 -23.28 4.58 -1.46
CA TYR A 186 -22.43 4.68 -2.64
C TYR A 186 -22.61 6.03 -3.32
N LEU A 187 -21.56 6.53 -3.94
CA LEU A 187 -21.66 7.73 -4.77
C LEU A 187 -21.91 7.28 -6.21
N ASN A 188 -22.87 7.90 -6.87
CA ASN A 188 -23.25 7.51 -8.22
C ASN A 188 -23.03 8.64 -9.22
N CYS A 189 -22.28 8.34 -10.29
CA CYS A 189 -22.03 9.32 -11.34
C CYS A 189 -22.84 8.90 -12.57
N PRO A 190 -24.01 9.52 -12.77
CA PRO A 190 -24.88 9.06 -13.87
C PRO A 190 -24.37 9.50 -15.23
N MET A 191 -24.55 8.64 -16.23
CA MET A 191 -24.14 8.95 -17.58
C MET A 191 -25.29 8.72 -18.54
N THR A 192 -25.40 9.57 -19.55
CA THR A 192 -26.43 9.40 -20.57
C THR A 192 -26.03 8.29 -21.52
N GLU A 193 -26.95 7.92 -22.39
CA GLU A 193 -26.67 6.87 -23.37
C GLU A 193 -25.53 7.29 -24.30
N GLU A 194 -25.53 8.56 -24.68
CA GLU A 194 -24.48 9.09 -25.55
C GLU A 194 -23.14 9.10 -24.82
N GLU A 195 -23.15 9.51 -23.56
CA GLU A 195 -21.92 9.48 -22.78
C GLU A 195 -21.37 8.06 -22.67
N TYR A 196 -22.23 7.10 -22.44
CA TYR A 196 -21.79 5.72 -22.37
C TYR A 196 -21.19 5.25 -23.70
N ARG A 197 -21.83 5.60 -24.81
CA ARG A 197 -21.34 5.24 -26.12
C ARG A 197 -19.89 5.65 -26.29
N ARG A 198 -19.58 6.89 -25.92
CA ARG A 198 -18.23 7.41 -26.09
C ARG A 198 -17.26 6.76 -25.11
N PHE A 199 -17.73 6.55 -23.88
CA PHE A 199 -16.90 5.96 -22.83
C PHE A 199 -16.54 4.51 -23.19
N HIS A 200 -17.53 3.75 -23.66
CA HIS A 200 -17.28 2.37 -24.04
C HIS A 200 -16.20 2.29 -25.13
N GLN A 201 -16.34 3.13 -26.15
CA GLN A 201 -15.37 3.13 -27.24
C GLN A 201 -13.98 3.54 -26.74
N ALA A 202 -13.94 4.50 -25.82
CA ALA A 202 -12.66 4.94 -25.27
C ALA A 202 -11.96 3.79 -24.54
N LEU A 203 -12.72 3.00 -23.81
CA LEU A 203 -12.17 1.83 -23.13
C LEU A 203 -11.55 0.85 -24.11
N LEU A 204 -12.23 0.63 -25.23
CA LEU A 204 -11.77 -0.30 -26.24
C LEU A 204 -10.46 0.18 -26.89
N GLU A 205 -10.35 1.49 -27.09
CA GLU A 205 -9.19 2.07 -27.75
C GLU A 205 -8.01 2.28 -26.81
N ALA A 206 -8.27 2.20 -25.50
CA ALA A 206 -7.20 2.29 -24.51
C ALA A 206 -6.62 0.91 -24.22
N CYS A 223 -9.46 -12.20 -11.83
CA CYS A 223 -10.34 -11.13 -12.26
C CYS A 223 -10.06 -10.70 -13.70
N VAL A 224 -11.09 -10.23 -14.37
CA VAL A 224 -10.95 -9.72 -15.73
C VAL A 224 -10.91 -8.19 -15.65
N PRO A 225 -9.92 -7.57 -16.31
CA PRO A 225 -9.83 -6.10 -16.31
C PRO A 225 -11.09 -5.48 -16.93
N VAL A 226 -11.49 -4.32 -16.42
CA VAL A 226 -12.70 -3.68 -16.90
C VAL A 226 -12.65 -3.38 -18.40
N GLU A 227 -11.46 -3.03 -18.91
CA GLU A 227 -11.32 -2.74 -20.34
C GLU A 227 -11.50 -3.99 -21.20
N GLU A 228 -11.17 -5.14 -20.64
CA GLU A 228 -11.38 -6.40 -21.34
C GLU A 228 -12.85 -6.80 -21.32
N LEU A 229 -13.53 -6.58 -20.19
CA LEU A 229 -14.96 -6.85 -20.11
C LEU A 229 -15.68 -6.03 -21.17
N ALA A 230 -15.30 -4.75 -21.29
CA ALA A 230 -15.89 -3.86 -22.28
C ALA A 230 -15.69 -4.39 -23.70
N ARG A 231 -14.51 -4.95 -23.96
CA ARG A 231 -14.18 -5.47 -25.29
C ARG A 231 -15.07 -6.64 -25.66
N ARG A 232 -15.55 -7.36 -24.65
CA ARG A 232 -16.30 -8.59 -24.87
C ARG A 232 -17.78 -8.40 -25.23
N GLY A 233 -18.30 -7.20 -24.99
CA GLY A 233 -19.68 -6.93 -25.34
C GLY A 233 -20.09 -5.52 -24.95
N TYR A 234 -20.98 -4.93 -25.74
CA TYR A 234 -21.41 -3.56 -25.50
C TYR A 234 -22.13 -3.44 -24.16
N GLN A 235 -22.88 -4.47 -23.80
CA GLN A 235 -23.74 -4.41 -22.63
C GLN A 235 -23.08 -4.92 -21.34
N THR A 236 -21.86 -5.45 -21.44
CA THR A 236 -21.29 -6.15 -20.29
C THR A 236 -21.12 -5.24 -19.08
N LEU A 237 -20.68 -4.00 -19.31
CA LEU A 237 -20.51 -3.10 -18.17
C LEU A 237 -21.86 -2.66 -17.59
N LEU A 238 -22.89 -2.62 -18.44
CA LEU A 238 -24.22 -2.22 -18.00
C LEU A 238 -24.90 -3.28 -17.15
N PHE A 239 -24.51 -4.54 -17.36
CA PHE A 239 -24.99 -5.62 -16.48
C PHE A 239 -24.15 -5.68 -15.22
N GLY A 240 -22.92 -5.17 -15.30
CA GLY A 240 -21.98 -5.21 -14.19
C GLY A 240 -21.82 -3.90 -13.43
N PRO A 241 -20.61 -3.35 -13.43
CA PRO A 241 -20.29 -2.22 -12.54
C PRO A 241 -21.04 -0.94 -12.85
N MET A 242 -21.54 -0.79 -14.07
CA MET A 242 -22.21 0.45 -14.45
C MET A 242 -23.73 0.30 -14.47
N LYS A 243 -24.21 -0.82 -13.92
CA LYS A 243 -25.64 -1.12 -13.88
C LYS A 243 -26.42 -0.02 -13.16
N PRO A 244 -27.44 0.53 -13.83
CA PRO A 244 -28.25 1.59 -13.23
C PRO A 244 -29.53 1.13 -12.52
N VAL A 245 -29.87 -0.15 -12.61
CA VAL A 245 -31.17 -0.61 -12.09
C VAL A 245 -31.31 -0.36 -10.60
N GLY A 246 -32.45 0.20 -10.20
CA GLY A 246 -32.73 0.45 -8.81
C GLY A 246 -32.17 1.75 -8.31
N LEU A 247 -31.59 2.54 -9.22
CA LEU A 247 -31.13 3.87 -8.86
C LEU A 247 -32.02 4.92 -9.52
N VAL A 248 -32.25 6.02 -8.81
CA VAL A 248 -32.99 7.13 -9.38
C VAL A 248 -32.18 8.42 -9.26
N ASP A 249 -31.91 9.06 -10.40
CA ASP A 249 -31.18 10.31 -10.41
C ASP A 249 -32.11 11.43 -9.92
N PRO A 250 -31.77 12.05 -8.78
CA PRO A 250 -32.62 13.09 -8.19
C PRO A 250 -32.82 14.25 -9.17
N ARG A 251 -31.84 14.47 -10.04
CA ARG A 251 -31.89 15.57 -11.00
C ARG A 251 -32.98 15.38 -12.04
N THR A 252 -33.23 14.13 -12.40
CA THR A 252 -34.17 13.82 -13.49
C THR A 252 -35.39 13.05 -13.01
N GLY A 253 -35.30 12.49 -11.81
CA GLY A 253 -36.35 11.67 -11.27
C GLY A 253 -36.48 10.35 -12.00
N LYS A 254 -35.47 10.03 -12.80
CA LYS A 254 -35.49 8.81 -13.59
C LYS A 254 -34.23 7.97 -13.40
N GLU A 255 -34.34 6.69 -13.70
CA GLU A 255 -33.19 5.81 -13.73
C GLU A 255 -32.23 6.33 -14.79
N PRO A 256 -30.93 6.41 -14.46
CA PRO A 256 -29.95 6.85 -15.45
C PRO A 256 -29.71 5.75 -16.47
N PHE A 257 -29.15 6.08 -17.62
CA PHE A 257 -28.81 5.04 -18.59
C PHE A 257 -27.72 4.13 -18.02
N ALA A 258 -26.76 4.75 -17.33
CA ALA A 258 -25.65 4.02 -16.74
C ALA A 258 -25.07 4.84 -15.59
N VAL A 259 -24.29 4.20 -14.73
CA VAL A 259 -23.59 4.94 -13.69
C VAL A 259 -22.16 4.44 -13.53
N VAL A 260 -21.31 5.26 -12.95
CA VAL A 260 -20.08 4.76 -12.34
C VAL A 260 -20.29 4.96 -10.85
N GLN A 261 -20.10 3.90 -10.08
CA GLN A 261 -20.26 4.00 -8.64
C GLN A 261 -18.92 4.17 -7.97
N LEU A 262 -18.91 4.93 -6.88
CA LEU A 262 -17.71 5.05 -6.05
C LEU A 262 -18.01 4.62 -4.64
N ARG A 263 -17.03 3.98 -3.99
CA ARG A 263 -17.23 3.51 -2.63
C ARG A 263 -16.11 4.03 -1.74
N GLN A 264 -16.47 4.30 -0.49
CA GLN A 264 -15.52 4.83 0.48
C GLN A 264 -14.56 3.74 0.93
N GLU A 265 -13.26 4.03 0.84
CA GLU A 265 -12.24 3.05 1.20
C GLU A 265 -11.64 3.33 2.57
N ASP A 266 -11.37 4.59 2.86
CA ASP A 266 -10.75 4.97 4.14
C ASP A 266 -11.79 5.35 5.19
N LYS A 267 -11.40 5.22 6.46
CA LYS A 267 -12.27 5.58 7.56
C LYS A 267 -12.69 7.06 7.47
N ALA A 268 -11.73 7.93 7.12
CA ALA A 268 -11.98 9.36 7.07
C ALA A 268 -12.82 9.82 5.86
N GLY A 269 -12.97 8.95 4.86
CA GLY A 269 -13.78 9.29 3.70
C GLY A 269 -13.08 10.19 2.69
N ARG A 270 -11.76 10.27 2.73
CA ARG A 270 -11.03 11.07 1.75
C ARG A 270 -10.77 10.33 0.45
N MET A 271 -10.94 9.01 0.50
CA MET A 271 -10.46 8.13 -0.57
C MET A 271 -11.58 7.21 -1.04
N TRP A 272 -11.97 7.38 -2.29
CA TRP A 272 -13.09 6.65 -2.88
C TRP A 272 -12.66 5.94 -4.15
N SER A 273 -12.98 4.66 -4.26
CA SER A 273 -12.59 3.87 -5.42
C SER A 273 -13.74 3.75 -6.41
N LEU A 274 -13.39 3.51 -7.67
CA LEU A 274 -14.40 3.24 -8.69
C LEU A 274 -14.76 1.77 -8.66
N VAL A 275 -16.03 1.49 -8.36
CA VAL A 275 -16.48 0.12 -8.14
C VAL A 275 -16.46 -0.69 -9.44
N GLY A 276 -15.75 -1.82 -9.41
CA GLY A 276 -15.71 -2.72 -10.54
C GLY A 276 -14.81 -2.25 -11.67
N PHE A 277 -13.93 -1.30 -11.38
CA PHE A 277 -13.01 -0.78 -12.40
C PHE A 277 -11.57 -1.26 -12.22
N GLN A 278 -11.40 -2.47 -11.72
CA GLN A 278 -10.07 -3.06 -11.67
C GLN A 278 -9.52 -3.07 -13.10
N THR A 279 -8.24 -2.73 -13.23
CA THR A 279 -7.70 -2.48 -14.56
C THR A 279 -6.19 -2.70 -14.61
N GLY A 280 -5.70 -3.03 -15.80
CA GLY A 280 -4.27 -3.17 -16.02
C GLY A 280 -3.73 -2.09 -16.94
N LEU A 281 -4.55 -1.07 -17.19
CA LEU A 281 -4.17 0.00 -18.10
C LEU A 281 -3.02 0.85 -17.56
N LYS A 282 -2.23 1.41 -18.47
CA LYS A 282 -1.16 2.33 -18.10
C LYS A 282 -1.77 3.52 -17.38
N TRP A 283 -1.03 4.06 -16.43
CA TRP A 283 -1.59 5.10 -15.56
C TRP A 283 -2.11 6.34 -16.31
N PRO A 284 -1.38 6.81 -17.34
CA PRO A 284 -1.89 7.94 -18.12
C PRO A 284 -3.21 7.64 -18.81
N GLU A 285 -3.40 6.41 -19.27
CA GLU A 285 -4.66 6.00 -19.89
C GLU A 285 -5.78 5.97 -18.85
N GLN A 286 -5.46 5.53 -17.64
CA GLN A 286 -6.44 5.50 -16.57
C GLN A 286 -6.93 6.90 -16.26
N LYS A 287 -6.00 7.84 -16.16
CA LYS A 287 -6.37 9.22 -15.87
C LYS A 287 -7.28 9.80 -16.94
N ARG A 288 -6.92 9.59 -18.20
CA ARG A 288 -7.72 10.11 -19.29
C ARG A 288 -9.14 9.54 -19.28
N LEU A 289 -9.26 8.25 -19.02
CA LEU A 289 -10.57 7.60 -19.00
C LEU A 289 -11.41 8.07 -17.81
N ILE A 290 -10.79 8.11 -16.64
CA ILE A 290 -11.50 8.50 -15.42
C ILE A 290 -12.08 9.92 -15.56
N GLN A 291 -11.32 10.79 -16.21
CA GLN A 291 -11.74 12.19 -16.30
C GLN A 291 -12.82 12.40 -17.36
N MET A 292 -13.23 11.32 -18.03
CA MET A 292 -14.38 11.39 -18.92
CA MET A 292 -14.39 11.36 -18.92
C MET A 292 -15.68 11.19 -18.15
N ILE A 293 -15.58 10.66 -16.93
CA ILE A 293 -16.76 10.34 -16.14
C ILE A 293 -17.33 11.59 -15.48
N PRO A 294 -18.64 11.83 -15.64
CA PRO A 294 -19.27 13.01 -15.06
C PRO A 294 -18.98 13.11 -13.57
N GLY A 295 -18.50 14.26 -13.13
CA GLY A 295 -18.13 14.45 -11.74
C GLY A 295 -16.64 14.27 -11.50
N LEU A 296 -15.98 13.51 -12.37
CA LEU A 296 -14.57 13.18 -12.17
C LEU A 296 -13.65 13.90 -13.16
N GLU A 297 -14.18 14.93 -13.82
CA GLU A 297 -13.43 15.63 -14.85
C GLU A 297 -12.12 16.21 -14.34
N ASN A 298 -12.07 16.56 -13.06
CA ASN A 298 -10.85 17.08 -12.47
C ASN A 298 -10.42 16.26 -11.26
N ALA A 299 -10.82 14.99 -11.27
CA ALA A 299 -10.49 14.09 -10.17
C ALA A 299 -8.99 13.89 -10.04
N GLU A 300 -8.53 13.82 -8.80
CA GLU A 300 -7.13 13.52 -8.51
C GLU A 300 -7.04 12.06 -8.10
N ILE A 301 -6.38 11.26 -8.94
CA ILE A 301 -6.20 9.84 -8.63
C ILE A 301 -5.04 9.71 -7.65
N VAL A 302 -5.31 9.11 -6.50
CA VAL A 302 -4.26 8.98 -5.48
C VAL A 302 -3.68 7.56 -5.43
N ARG A 303 -4.40 6.62 -6.02
CA ARG A 303 -3.89 5.26 -6.14
C ARG A 303 -4.41 4.68 -7.43
N TYR A 304 -3.51 4.40 -8.36
CA TYR A 304 -3.91 3.89 -9.67
C TYR A 304 -4.25 2.41 -9.62
N GLY A 305 -5.12 1.99 -10.54
CA GLY A 305 -5.49 0.58 -10.62
C GLY A 305 -4.34 -0.29 -11.08
N VAL A 306 -4.32 -1.51 -10.58
CA VAL A 306 -3.32 -2.49 -10.99
C VAL A 306 -3.87 -3.90 -10.88
N MET A 307 -3.25 -4.82 -11.61
CA MET A 307 -3.59 -6.23 -11.51
C MET A 307 -2.31 -7.05 -11.61
N HIS A 308 -1.86 -7.55 -10.47
CA HIS A 308 -0.58 -8.24 -10.37
C HIS A 308 -0.69 -9.53 -9.57
N ARG A 309 0.19 -10.48 -9.90
CA ARG A 309 0.49 -11.57 -8.99
C ARG A 309 1.11 -10.92 -7.74
N ASN A 310 0.46 -11.09 -6.60
CA ASN A 310 0.81 -10.34 -5.39
C ASN A 310 0.15 -10.98 -4.17
N THR A 311 0.92 -11.75 -3.40
CA THR A 311 0.40 -12.35 -2.18
C THR A 311 0.33 -11.30 -1.06
N TYR A 312 -0.85 -11.14 -0.48
CA TYR A 312 -1.00 -10.18 0.62
C TYR A 312 -2.15 -10.54 1.55
N LEU A 313 -2.10 -10.01 2.76
CA LEU A 313 -3.12 -10.27 3.78
C LEU A 313 -4.20 -9.20 3.80
N ASN A 314 -5.37 -9.57 4.30
CA ASN A 314 -6.42 -8.60 4.55
C ASN A 314 -6.08 -7.83 5.81
N ALA A 315 -5.33 -6.75 5.66
CA ALA A 315 -4.84 -5.99 6.81
C ALA A 315 -5.95 -5.48 7.71
N PRO A 316 -7.03 -4.92 7.14
CA PRO A 316 -8.08 -4.40 8.02
C PRO A 316 -8.73 -5.47 8.91
N ARG A 317 -8.77 -6.72 8.46
CA ARG A 317 -9.35 -7.79 9.26
C ARG A 317 -8.34 -8.41 10.24
N LEU A 318 -7.05 -8.25 9.96
CA LEU A 318 -6.04 -9.02 10.68
C LEU A 318 -5.02 -8.22 11.49
N LEU A 319 -4.72 -7.00 11.05
CA LEU A 319 -3.63 -6.23 11.63
C LEU A 319 -4.07 -4.95 12.33
N GLY A 320 -3.35 -4.58 13.38
CA GLY A 320 -3.54 -3.27 13.98
C GLY A 320 -2.62 -2.27 13.29
N GLU A 321 -2.75 -0.99 13.63
CA GLU A 321 -1.91 0.03 13.02
C GLU A 321 -0.45 -0.14 13.46
N THR A 322 -0.24 -0.99 14.45
CA THR A 322 1.08 -1.31 14.97
C THR A 322 1.73 -2.39 14.11
N LEU A 323 0.96 -2.93 13.17
CA LEU A 323 1.36 -4.05 12.33
C LEU A 323 1.40 -5.39 13.05
N GLU A 324 1.00 -5.40 14.33
CA GLU A 324 0.84 -6.64 15.08
C GLU A 324 -0.49 -7.29 14.73
N PHE A 325 -0.49 -8.61 14.55
CA PHE A 325 -1.75 -9.33 14.33
C PHE A 325 -2.67 -9.14 15.54
N ARG A 326 -3.92 -8.79 15.28
CA ARG A 326 -4.86 -8.53 16.36
C ARG A 326 -5.13 -9.77 17.21
N GLU A 327 -5.04 -10.95 16.62
CA GLU A 327 -5.34 -12.18 17.33
C GLU A 327 -4.11 -13.08 17.50
N ALA A 328 -2.93 -12.52 17.28
CA ALA A 328 -1.70 -13.27 17.48
C ALA A 328 -0.64 -12.36 18.08
N GLU A 329 -0.60 -12.30 19.41
CA GLU A 329 0.34 -11.44 20.11
C GLU A 329 1.78 -11.77 19.70
N GLY A 330 2.56 -10.74 19.37
CA GLY A 330 3.97 -10.93 19.05
C GLY A 330 4.24 -11.43 17.65
N LEU A 331 3.19 -11.47 16.81
CA LEU A 331 3.35 -11.78 15.39
C LEU A 331 3.06 -10.49 14.62
N TYR A 332 3.90 -10.18 13.63
CA TYR A 332 3.75 -8.94 12.86
C TYR A 332 3.85 -9.26 11.37
N ALA A 333 3.31 -8.36 10.56
CA ALA A 333 3.48 -8.43 9.11
C ALA A 333 4.05 -7.11 8.61
N ALA A 334 4.88 -7.18 7.58
CA ALA A 334 5.44 -5.96 6.99
C ALA A 334 5.61 -6.17 5.49
N GLY A 335 5.74 -5.07 4.75
CA GLY A 335 5.93 -5.13 3.32
C GLY A 335 4.66 -5.50 2.58
N VAL A 336 4.83 -6.02 1.37
CA VAL A 336 3.70 -6.40 0.53
C VAL A 336 2.75 -7.37 1.26
N LEU A 337 3.29 -8.29 2.05
CA LEU A 337 2.45 -9.22 2.79
C LEU A 337 1.44 -8.50 3.68
N ALA A 338 1.83 -7.33 4.21
CA ALA A 338 0.97 -6.58 5.11
C ALA A 338 -0.03 -5.70 4.36
N GLY A 339 0.06 -5.66 3.04
CA GLY A 339 -0.90 -4.91 2.27
C GLY A 339 -0.43 -3.60 1.67
N VAL A 340 0.87 -3.33 1.69
CA VAL A 340 1.38 -2.15 0.99
C VAL A 340 1.98 -2.52 -0.36
N GLU A 341 2.32 -1.51 -1.14
CA GLU A 341 2.96 -1.65 -2.43
C GLU A 341 4.05 -0.60 -2.52
N GLY A 342 5.24 -0.99 -2.97
CA GLY A 342 6.35 -0.07 -3.17
C GLY A 342 7.54 -0.44 -2.32
N TYR A 343 8.74 -0.26 -2.87
CA TYR A 343 9.97 -0.59 -2.14
C TYR A 343 10.04 0.17 -0.81
N LEU A 344 9.78 1.47 -0.89
CA LEU A 344 9.90 2.35 0.25
C LEU A 344 8.83 2.06 1.31
N GLU A 345 7.59 1.89 0.86
CA GLU A 345 6.50 1.53 1.76
C GLU A 345 6.82 0.21 2.47
N SER A 346 7.45 -0.71 1.74
CA SER A 346 7.79 -2.00 2.33
C SER A 346 8.89 -1.84 3.39
N ALA A 347 9.94 -1.10 3.05
CA ALA A 347 10.98 -0.78 4.02
C ALA A 347 10.40 -0.08 5.26
N ALA A 348 9.52 0.89 5.03
CA ALA A 348 8.99 1.69 6.13
C ALA A 348 8.12 0.87 7.08
N THR A 349 7.27 0.01 6.52
CA THR A 349 6.49 -0.88 7.38
C THR A 349 7.39 -1.90 8.08
N GLY A 350 8.49 -2.27 7.42
CA GLY A 350 9.49 -3.12 8.06
C GLY A 350 10.08 -2.45 9.29
N PHE A 351 10.41 -1.17 9.17
CA PHE A 351 10.88 -0.40 10.31
C PHE A 351 9.90 -0.46 11.48
N LEU A 352 8.62 -0.20 11.21
CA LEU A 352 7.63 -0.17 12.29
C LEU A 352 7.42 -1.54 12.92
N ALA A 353 7.35 -2.58 12.09
CA ALA A 353 7.18 -3.94 12.60
C ALA A 353 8.39 -4.35 13.44
N GLY A 354 9.58 -4.01 12.97
CA GLY A 354 10.80 -4.33 13.71
C GLY A 354 10.85 -3.58 15.03
N LEU A 355 10.46 -2.30 14.98
CA LEU A 355 10.40 -1.48 16.17
C LEU A 355 9.47 -2.09 17.21
N ASN A 356 8.26 -2.46 16.79
CA ASN A 356 7.30 -3.02 17.73
C ASN A 356 7.65 -4.41 18.24
N ALA A 357 8.27 -5.22 17.38
CA ALA A 357 8.76 -6.53 17.79
C ALA A 357 9.88 -6.39 18.83
N ALA A 358 10.77 -5.43 18.60
CA ALA A 358 11.84 -5.16 19.55
C ALA A 358 11.24 -4.70 20.88
N ARG A 359 10.28 -3.79 20.82
CA ARG A 359 9.64 -3.30 22.03
C ARG A 359 8.94 -4.43 22.77
N LYS A 360 8.30 -5.32 22.01
CA LYS A 360 7.64 -6.47 22.61
C LYS A 360 8.64 -7.35 23.35
N ALA A 361 9.77 -7.63 22.72
CA ALA A 361 10.79 -8.45 23.34
C ALA A 361 11.24 -7.82 24.67
N LEU A 362 11.32 -6.50 24.70
CA LEU A 362 11.79 -5.76 25.86
C LEU A 362 10.73 -5.54 26.94
N GLY A 363 9.48 -5.84 26.60
CA GLY A 363 8.37 -5.67 27.53
C GLY A 363 7.65 -4.34 27.43
N LEU A 364 7.67 -3.72 26.25
CA LEU A 364 7.06 -2.40 26.05
C LEU A 364 5.93 -2.50 25.04
N PRO A 365 4.86 -1.72 25.24
CA PRO A 365 3.70 -1.76 24.34
C PRO A 365 4.06 -1.20 22.97
N PRO A 366 3.32 -1.62 21.94
CA PRO A 366 3.61 -1.19 20.56
C PRO A 366 3.23 0.26 20.33
N VAL A 367 3.82 0.85 19.30
CA VAL A 367 3.58 2.25 18.96
C VAL A 367 3.20 2.37 17.49
N ALA A 368 2.68 3.54 17.11
CA ALA A 368 2.42 3.85 15.72
C ALA A 368 2.56 5.34 15.50
N PRO A 369 3.13 5.75 14.36
CA PRO A 369 3.37 7.17 14.10
C PRO A 369 2.04 7.91 13.93
N PRO A 370 2.08 9.24 14.03
CA PRO A 370 0.87 10.08 13.99
C PRO A 370 0.18 10.03 12.63
N GLU A 371 -1.13 10.29 12.61
CA GLU A 371 -1.87 10.27 11.36
C GLU A 371 -1.41 11.33 10.36
N GLU A 372 -0.68 12.33 10.83
CA GLU A 372 -0.17 13.39 9.96
C GLU A 372 1.07 12.95 9.19
N SER A 373 1.77 11.95 9.71
CA SER A 373 2.97 11.48 9.02
C SER A 373 2.54 10.50 7.94
N MET A 374 3.37 10.33 6.93
CA MET A 374 3.02 9.43 5.82
C MET A 374 3.02 7.97 6.26
N LEU A 375 4.01 7.56 7.06
CA LEU A 375 4.00 6.19 7.55
C LEU A 375 2.78 5.97 8.46
N GLY A 376 2.49 6.96 9.30
CA GLY A 376 1.34 6.86 10.18
C GLY A 376 0.04 6.75 9.41
N GLY A 377 -0.10 7.55 8.37
CA GLY A 377 -1.28 7.48 7.54
C GLY A 377 -1.41 6.13 6.86
N LEU A 378 -0.29 5.61 6.38
CA LEU A 378 -0.25 4.33 5.68
C LEU A 378 -0.70 3.17 6.59
N VAL A 379 -0.08 3.04 7.76
CA VAL A 379 -0.43 1.93 8.64
C VAL A 379 -1.83 2.09 9.22
N ARG A 380 -2.27 3.33 9.42
CA ARG A 380 -3.64 3.53 9.90
C ARG A 380 -4.66 3.12 8.84
N TYR A 381 -4.33 3.35 7.58
CA TYR A 381 -5.18 2.89 6.48
C TYR A 381 -5.26 1.36 6.47
N LEU A 382 -4.11 0.70 6.57
CA LEU A 382 -4.06 -0.76 6.58
C LEU A 382 -4.99 -1.32 7.65
N ALA A 383 -5.02 -0.67 8.81
CA ALA A 383 -5.77 -1.19 9.94
C ALA A 383 -7.26 -0.85 9.90
N THR A 384 -7.61 0.21 9.17
CA THR A 384 -8.98 0.74 9.24
C THR A 384 -9.72 0.88 7.92
N ALA A 385 -9.08 0.51 6.82
CA ALA A 385 -9.75 0.58 5.51
C ALA A 385 -10.91 -0.42 5.35
N ASN A 386 -11.70 -0.22 4.32
CA ASN A 386 -12.78 -1.13 4.00
C ASN A 386 -12.24 -2.54 3.76
N PRO A 387 -12.67 -3.52 4.57
CA PRO A 387 -12.11 -4.87 4.51
C PRO A 387 -12.60 -5.69 3.32
N GLU A 388 -13.77 -5.34 2.80
CA GLU A 388 -14.37 -6.13 1.72
C GLU A 388 -13.64 -5.89 0.40
N GLY A 389 -12.92 -6.91 -0.06
CA GLY A 389 -12.12 -6.77 -1.27
C GLY A 389 -10.95 -5.81 -1.09
N PHE A 390 -10.44 -5.74 0.14
CA PHE A 390 -9.31 -4.87 0.44
C PHE A 390 -8.17 -5.10 -0.55
N GLN A 391 -7.61 -4.00 -1.05
CA GLN A 391 -6.52 -4.00 -2.02
C GLN A 391 -5.32 -3.28 -1.43
N PRO A 392 -4.11 -3.58 -1.93
CA PRO A 392 -2.90 -2.95 -1.37
C PRO A 392 -2.84 -1.44 -1.58
N MET A 393 -2.04 -0.77 -0.75
CA MET A 393 -1.98 0.68 -0.75
C MET A 393 -0.53 1.15 -0.81
N TYR A 394 -0.29 2.24 -1.54
CA TYR A 394 1.01 2.92 -1.53
C TYR A 394 0.88 4.35 -1.00
N ALA A 395 2.01 5.00 -0.74
CA ALA A 395 1.99 6.32 -0.13
C ALA A 395 1.31 7.34 -1.03
N ASN A 396 0.39 8.12 -0.47
CA ASN A 396 -0.30 9.15 -1.23
C ASN A 396 -0.94 10.15 -0.27
N TRP A 397 -1.28 11.33 -0.77
CA TRP A 397 -1.76 12.40 0.11
C TRP A 397 -3.17 12.19 0.67
N GLY A 398 -3.92 11.25 0.11
CA GLY A 398 -5.21 10.91 0.66
C GLY A 398 -5.12 10.30 2.05
N LEU A 399 -3.94 9.84 2.42
CA LEU A 399 -3.76 9.09 3.67
C LEU A 399 -3.69 9.96 4.92
N VAL A 400 -3.45 11.27 4.73
CA VAL A 400 -3.29 12.18 5.84
C VAL A 400 -4.39 13.25 5.83
N PRO A 401 -4.62 13.90 6.98
CA PRO A 401 -5.66 14.93 7.06
C PRO A 401 -5.38 16.09 6.10
N PRO A 402 -6.43 16.80 5.68
CA PRO A 402 -6.23 17.92 4.76
C PRO A 402 -5.60 19.09 5.50
N VAL A 403 -5.08 20.05 4.74
CA VAL A 403 -4.65 21.31 5.32
C VAL A 403 -5.74 22.34 5.07
N GLU A 404 -6.29 22.87 6.15
CA GLU A 404 -7.36 23.85 6.05
C GLU A 404 -6.81 25.23 5.68
N GLY A 405 -7.59 25.98 4.93
CA GLY A 405 -7.18 27.29 4.44
C GLY A 405 -7.52 27.45 2.98
N ARG A 406 -7.27 28.65 2.44
CA ARG A 406 -7.56 28.92 1.03
C ARG A 406 -6.28 29.11 0.23
N MET A 407 -5.33 28.19 0.42
CA MET A 407 -4.08 28.21 -0.34
C MET A 407 -4.18 27.33 -1.58
N GLY A 408 -3.22 27.49 -2.49
CA GLY A 408 -3.17 26.67 -3.69
C GLY A 408 -2.73 25.26 -3.33
N LYS A 409 -3.07 24.29 -4.18
CA LYS A 409 -2.79 22.90 -3.88
C LYS A 409 -1.31 22.60 -3.69
N LYS A 410 -0.45 23.26 -4.46
CA LYS A 410 0.98 23.08 -4.30
C LYS A 410 1.40 23.49 -2.88
N GLU A 411 0.95 24.67 -2.47
CA GLU A 411 1.23 25.20 -1.14
C GLU A 411 0.66 24.29 -0.06
N LYS A 412 -0.53 23.75 -0.30
CA LYS A 412 -1.16 22.85 0.67
C LYS A 412 -0.34 21.57 0.83
N ARG A 413 0.12 21.03 -0.30
CA ARG A 413 0.91 19.81 -0.26
C ARG A 413 2.25 20.02 0.45
N GLN A 414 2.89 21.15 0.17
CA GLN A 414 4.12 21.49 0.87
C GLN A 414 3.86 21.59 2.38
N ALA A 415 2.71 22.14 2.75
CA ALA A 415 2.33 22.25 4.15
C ALA A 415 2.10 20.88 4.78
N MET A 416 1.50 19.97 4.02
CA MET A 416 1.27 18.62 4.51
C MET A 416 2.60 17.88 4.70
N TYR A 417 3.54 18.14 3.80
CA TYR A 417 4.89 17.58 3.92
C TYR A 417 5.55 18.07 5.20
N ARG A 418 5.58 19.39 5.39
CA ARG A 418 6.24 19.95 6.57
C ARG A 418 5.55 19.50 7.86
N ARG A 419 4.21 19.53 7.88
CA ARG A 419 3.46 19.10 9.05
C ARG A 419 3.73 17.63 9.38
N GLY A 420 3.76 16.79 8.35
CA GLY A 420 3.96 15.37 8.57
C GLY A 420 5.36 15.06 9.08
N LEU A 421 6.35 15.71 8.49
CA LEU A 421 7.74 15.47 8.88
C LEU A 421 8.00 15.93 10.31
N GLU A 422 7.49 17.10 10.65
CA GLU A 422 7.60 17.61 12.03
C GLU A 422 6.91 16.67 13.01
N ALA A 423 5.73 16.18 12.64
CA ALA A 423 4.99 15.27 13.50
C ALA A 423 5.71 13.93 13.67
N PHE A 424 6.29 13.43 12.58
CA PHE A 424 7.03 12.17 12.66
C PHE A 424 8.27 12.33 13.53
N SER A 425 8.96 13.45 13.37
CA SER A 425 10.16 13.73 14.15
C SER A 425 9.86 13.83 15.65
N ALA A 426 8.77 14.52 15.97
CA ALA A 426 8.35 14.66 17.37
C ALA A 426 8.02 13.28 17.94
N TRP A 427 7.38 12.45 17.12
CA TRP A 427 7.05 11.10 17.53
C TRP A 427 8.32 10.30 17.83
N LEU A 428 9.30 10.37 16.92
CA LEU A 428 10.57 9.68 17.11
C LEU A 428 11.22 10.08 18.43
N SER A 429 11.25 11.40 18.66
CA SER A 429 11.91 11.95 19.84
C SER A 429 11.28 11.49 21.14
N GLY A 430 10.03 11.06 21.08
CA GLY A 430 9.31 10.64 22.27
C GLY A 430 9.50 9.17 22.61
N LEU A 431 10.11 8.42 21.71
CA LEU A 431 10.27 6.98 21.89
C LEU A 431 11.23 6.65 23.04
N ASN A 432 10.82 5.70 23.88
CA ASN A 432 11.66 5.18 24.95
C ASN A 432 11.56 3.66 24.99
N PRO A 433 12.66 2.95 24.71
CA PRO A 433 14.01 3.45 24.43
C PRO A 433 14.11 4.18 23.11
N PRO A 434 15.06 5.11 22.99
CA PRO A 434 15.22 5.87 21.75
C PRO A 434 15.97 5.06 20.70
N LEU A 435 15.71 5.36 19.43
CA LEU A 435 16.53 4.84 18.36
C LEU A 435 17.89 5.53 18.42
N PRO A 436 18.97 4.74 18.62
CA PRO A 436 20.32 5.27 18.75
C PRO A 436 20.73 6.13 17.56
PA FAD B . 10.45 -8.83 -1.14
O1A FAD B . 10.07 -9.69 -2.32
O2A FAD B . 11.42 -7.72 -1.46
O5B FAD B . 11.11 -9.73 0.01
C5B FAD B . 10.48 -10.91 0.46
C4B FAD B . 11.59 -11.91 0.73
O4B FAD B . 11.04 -13.04 1.37
C3B FAD B . 12.26 -12.41 -0.55
O3B FAD B . 13.66 -12.30 -0.41
C2B FAD B . 11.85 -13.86 -0.65
O2B FAD B . 12.87 -14.66 -1.19
C1B FAD B . 11.62 -14.21 0.81
N9A FAD B . 10.70 -15.32 1.10
C8A FAD B . 9.48 -15.56 0.54
N7A FAD B . 8.97 -16.67 1.13
C5A FAD B . 9.84 -17.12 2.06
C6A FAD B . 9.84 -18.20 2.93
N6A FAD B . 8.72 -18.91 3.11
N1A FAD B . 10.91 -18.39 3.78
C2A FAD B . 12.00 -17.53 3.74
N3A FAD B . 12.00 -16.46 2.87
C4A FAD B . 10.94 -16.27 2.05
N1 FAD B . 7.82 -2.02 -6.29
C2 FAD B . 8.23 -0.75 -6.63
O2 FAD B . 8.20 0.16 -5.81
N3 FAD B . 8.67 -0.49 -7.92
C4 FAD B . 8.71 -1.52 -8.85
O4 FAD B . 9.10 -1.29 -9.99
C4X FAD B . 8.30 -2.80 -8.49
N5 FAD B . 8.34 -3.82 -9.41
C5X FAD B . 7.93 -5.09 -9.04
C6 FAD B . 7.97 -6.12 -9.97
C7 FAD B . 7.57 -7.40 -9.61
C7M FAD B . 7.61 -8.51 -10.62
C8 FAD B . 7.12 -7.64 -8.31
C8M FAD B . 6.69 -9.02 -7.91
C9 FAD B . 7.09 -6.62 -7.38
C9A FAD B . 7.49 -5.33 -7.74
N10 FAD B . 7.43 -4.30 -6.80
C10 FAD B . 7.86 -3.05 -7.20
C1' FAD B . 6.48 -4.39 -5.64
C2' FAD B . 7.14 -4.32 -4.24
O2' FAD B . 7.40 -2.99 -3.83
C3' FAD B . 8.42 -5.14 -4.19
O3' FAD B . 8.08 -6.49 -4.42
C4' FAD B . 9.16 -5.01 -2.85
O4' FAD B . 10.40 -5.64 -2.96
C5' FAD B . 8.37 -5.67 -1.72
O5' FAD B . 9.16 -5.72 -0.54
P FAD B . 8.97 -6.96 0.45
O1P FAD B . 7.55 -6.94 0.96
O2P FAD B . 10.04 -6.94 1.52
O3P FAD B . 9.09 -8.26 -0.51
N3 THG C . 3.73 -5.42 -7.48
C2 THG C . 3.63 -6.71 -7.90
N1 THG C . 3.99 -7.05 -9.19
C8A THG C . 4.46 -6.10 -10.04
C4A THG C . 4.57 -4.74 -9.61
C4 THG C . 4.22 -4.42 -8.36
N8 THG C . 4.86 -6.45 -11.44
C7 THG C . 5.64 -5.46 -12.21
C6 THG C . 5.16 -4.04 -11.90
N5 THG C . 5.09 -3.76 -10.51
O4 THG C . 4.32 -3.11 -7.93
N2 THG C . 3.15 -7.73 -7.00
CA CA D . 27.86 5.81 -4.68
C1 EDO E . -7.56 -9.35 0.73
O1 EDO E . -8.68 -8.76 0.06
C2 EDO E . -7.89 -10.81 1.08
O2 EDO E . -9.00 -10.83 1.99
C1 EDO F . -0.65 9.58 -6.89
O1 EDO F . -0.51 9.33 -5.49
C2 EDO F . -1.01 8.29 -7.63
O2 EDO F . 0.17 7.57 -8.00
C1 EDO G . 3.40 -4.80 26.76
O1 EDO G . 2.60 -4.70 25.58
C2 EDO G . 4.51 -5.82 26.51
O2 EDO G . 3.94 -7.09 26.21
C1 EDO H . -4.38 -7.91 20.61
O1 EDO H . -5.53 -7.42 19.90
C2 EDO H . -3.13 -7.70 19.76
O2 EDO H . -2.25 -8.82 19.95
C1 EDO I . 15.22 -22.45 -7.63
O1 EDO I . 16.43 -22.52 -6.85
C2 EDO I . 14.01 -22.73 -6.76
O2 EDO I . 13.01 -23.43 -7.51
C1 EDO J . -14.56 2.82 6.42
O1 EDO J . -13.35 2.05 6.45
C2 EDO J . -15.23 2.62 5.07
O2 EDO J . -15.66 1.26 4.95
#